data_1AEK
#
_entry.id   1AEK
#
_cell.length_a   108.000
_cell.length_b   77.300
_cell.length_c   51.800
_cell.angle_alpha   90.00
_cell.angle_beta   90.00
_cell.angle_gamma   90.00
#
_symmetry.space_group_name_H-M   'P 21 21 21'
#
loop_
_entity.id
_entity.type
_entity.pdbx_description
1 polymer 'CYTOCHROME C PEROXIDASE'
2 non-polymer 'PROTOPORPHYRIN IX CONTAINING FE'
3 non-polymer INDOLINE
4 water water
#
_entity_poly.entity_id   1
_entity_poly.type   'polypeptide(L)'
_entity_poly.pdbx_seq_one_letter_code
;MKTLVHVASVEKGRSYEDFQKVYNAIALKLREDDEYDNYIGYGPVLVRLAWHISGTWDKHDNTGGSYGGTYRFKKEFNDP
SNAGLQNGFKFLEPIHKEFPWISSGDLFSLGGVTAVQEMQGPKIPWRCGRVDTPEDTTPDNGRLPDADKDAGYVRTFFQR
LNMNDREVVALMGAHALGKTHLKNSGYEGPGGAANNVFTNEFYLNLLNEDWKLEKNDANNEQWDSKSGYMMLPTDYSLIQ
DPKYLSIVKEYANDQDKFFKDFSKAFEKLLEDGITFPKDAPSPFIFKTLEEQGL
;
_entity_poly.pdbx_strand_id   A
#
loop_
_chem_comp.id
_chem_comp.type
_chem_comp.name
_chem_comp.formula
HEM non-polymer 'PROTOPORPHYRIN IX CONTAINING FE' 'C34 H32 Fe N4 O4'
IDM non-polymer INDOLINE 'C8 H9 N'
#
# COMPACT_ATOMS: atom_id res chain seq x y z
N LEU A 4 18.28 -16.51 -3.77
CA LEU A 4 17.12 -16.42 -4.65
C LEU A 4 17.15 -15.30 -5.67
N VAL A 5 17.19 -15.59 -6.97
CA VAL A 5 17.18 -14.50 -7.95
C VAL A 5 15.84 -14.52 -8.67
N HIS A 6 15.28 -13.34 -8.85
CA HIS A 6 13.99 -13.21 -9.48
C HIS A 6 14.10 -12.21 -10.61
N VAL A 7 14.11 -12.74 -11.84
CA VAL A 7 14.28 -11.84 -12.96
C VAL A 7 12.96 -11.49 -13.63
N ALA A 8 12.75 -10.20 -13.75
CA ALA A 8 11.59 -9.65 -14.43
C ALA A 8 11.49 -10.07 -15.89
N SER A 9 10.38 -10.68 -16.30
CA SER A 9 10.13 -11.13 -17.67
C SER A 9 8.88 -10.49 -18.26
N VAL A 10 8.98 -9.52 -19.19
CA VAL A 10 7.78 -8.86 -19.74
C VAL A 10 6.84 -9.88 -20.36
N GLU A 11 5.56 -9.80 -19.98
CA GLU A 11 4.49 -10.62 -20.58
C GLU A 11 4.58 -10.58 -22.12
N LYS A 12 4.49 -11.73 -22.81
CA LYS A 12 4.83 -11.75 -24.24
C LYS A 12 4.17 -10.77 -25.18
N GLY A 13 5.05 -9.98 -25.74
CA GLY A 13 4.67 -8.99 -26.75
C GLY A 13 3.91 -7.81 -26.21
N ARG A 14 3.69 -7.73 -24.89
CA ARG A 14 3.01 -6.57 -24.32
C ARG A 14 3.88 -5.31 -24.22
N SER A 15 3.31 -4.12 -24.33
CA SER A 15 4.03 -2.85 -24.19
C SER A 15 3.19 -1.82 -23.39
N TYR A 16 3.59 -0.56 -23.29
CA TYR A 16 2.84 0.45 -22.58
C TYR A 16 1.33 0.51 -22.77
N GLU A 17 0.89 0.45 -24.00
CA GLU A 17 -0.55 0.58 -24.31
C GLU A 17 -1.42 -0.51 -23.71
N ASP A 18 -0.88 -1.73 -23.58
CA ASP A 18 -1.60 -2.85 -22.98
C ASP A 18 -1.86 -2.63 -21.50
N PHE A 19 -0.83 -2.19 -20.80
CA PHE A 19 -0.92 -1.94 -19.36
C PHE A 19 -1.75 -0.69 -19.07
N GLN A 20 -1.70 0.33 -19.93
CA GLN A 20 -2.56 1.49 -19.79
C GLN A 20 -4.02 1.06 -19.97
N LYS A 21 -4.31 0.03 -20.79
CA LYS A 21 -5.66 -0.51 -20.86
C LYS A 21 -6.08 -1.18 -19.54
N VAL A 22 -5.19 -1.95 -18.92
CA VAL A 22 -5.48 -2.54 -17.61
C VAL A 22 -5.65 -1.45 -16.53
N TYR A 23 -4.76 -0.46 -16.43
CA TYR A 23 -4.94 0.74 -15.60
C TYR A 23 -6.36 1.34 -15.74
N ASN A 24 -6.73 1.73 -16.98
CA ASN A 24 -8.03 2.31 -17.24
C ASN A 24 -9.17 1.42 -16.81
N ALA A 25 -9.07 0.11 -16.96
CA ALA A 25 -10.10 -0.79 -16.48
C ALA A 25 -10.31 -0.74 -14.97
N ILE A 26 -9.21 -0.82 -14.21
CA ILE A 26 -9.23 -0.69 -12.73
C ILE A 26 -9.81 0.68 -12.32
N ALA A 27 -9.32 1.76 -12.92
CA ALA A 27 -9.76 3.12 -12.66
C ALA A 27 -11.21 3.42 -12.97
N LEU A 28 -11.72 2.79 -14.03
CA LEU A 28 -13.13 2.88 -14.39
C LEU A 28 -13.99 2.14 -13.39
N LYS A 29 -13.52 0.98 -12.93
CA LYS A 29 -14.30 0.26 -11.92
C LYS A 29 -14.21 0.95 -10.53
N LEU A 30 -13.11 1.64 -10.19
CA LEU A 30 -13.02 2.43 -8.96
C LEU A 30 -14.06 3.55 -8.90
N ARG A 31 -14.35 4.13 -10.05
CA ARG A 31 -15.37 5.17 -10.20
C ARG A 31 -16.80 4.58 -10.13
N GLU A 32 -16.97 3.43 -10.75
CA GLU A 32 -18.25 2.73 -10.76
C GLU A 32 -18.65 2.12 -9.43
N ASP A 33 -17.81 1.33 -8.78
CA ASP A 33 -18.14 0.74 -7.49
C ASP A 33 -17.80 1.63 -6.28
N ASP A 34 -18.41 2.80 -6.25
CA ASP A 34 -18.19 3.85 -5.24
C ASP A 34 -18.82 3.75 -3.85
N GLU A 35 -19.80 2.87 -3.74
CA GLU A 35 -20.54 2.65 -2.51
C GLU A 35 -19.84 1.86 -1.42
N TYR A 36 -18.86 1.05 -1.84
CA TYR A 36 -18.07 0.23 -0.92
C TYR A 36 -17.55 0.92 0.37
N ASP A 37 -17.72 0.26 1.53
CA ASP A 37 -17.26 0.79 2.82
C ASP A 37 -17.77 2.20 3.13
N ASN A 38 -19.11 2.31 3.11
CA ASN A 38 -19.79 3.58 3.29
C ASN A 38 -19.28 4.76 2.51
N TYR A 39 -19.24 4.49 1.22
CA TYR A 39 -18.79 5.42 0.19
C TYR A 39 -17.35 5.88 0.23
N ILE A 40 -16.47 5.13 0.91
CA ILE A 40 -15.03 5.40 0.78
C ILE A 40 -14.55 4.94 -0.61
N GLY A 41 -15.13 3.83 -1.05
CA GLY A 41 -14.77 3.20 -2.30
C GLY A 41 -13.58 2.25 -2.14
N TYR A 42 -13.18 1.54 -3.18
CA TYR A 42 -12.09 0.57 -3.13
C TYR A 42 -10.66 1.01 -3.14
N GLY A 43 -10.35 2.27 -3.42
CA GLY A 43 -8.98 2.73 -3.48
C GLY A 43 -8.10 2.41 -2.26
N PRO A 44 -8.44 2.79 -1.04
CA PRO A 44 -7.60 2.50 0.15
C PRO A 44 -7.32 0.99 0.32
N VAL A 45 -8.30 0.06 0.27
CA VAL A 45 -8.00 -1.37 0.39
C VAL A 45 -7.09 -1.87 -0.74
N LEU A 46 -7.14 -1.24 -1.92
CA LEU A 46 -6.23 -1.63 -3.00
C LEU A 46 -4.82 -1.13 -2.71
N VAL A 47 -4.58 0.07 -2.12
CA VAL A 47 -3.16 0.35 -1.84
C VAL A 47 -2.71 -0.51 -0.62
N ARG A 48 -3.60 -0.90 0.29
CA ARG A 48 -3.21 -1.82 1.36
C ARG A 48 -2.84 -3.21 0.82
N LEU A 49 -3.58 -3.72 -0.17
CA LEU A 49 -3.27 -5.00 -0.80
C LEU A 49 -1.89 -4.93 -1.48
N ALA A 50 -1.57 -3.88 -2.22
CA ALA A 50 -0.26 -3.79 -2.86
C ALA A 50 0.87 -3.72 -1.82
N TRP A 51 0.64 -3.06 -0.67
CA TRP A 51 1.64 -3.02 0.40
C TRP A 51 1.80 -4.40 1.06
N HIS A 52 0.75 -5.13 1.42
CA HIS A 52 0.88 -6.45 2.03
C HIS A 52 1.44 -7.53 1.11
N ILE A 53 1.24 -7.54 -0.22
CA ILE A 53 1.91 -8.54 -1.05
C ILE A 53 3.39 -8.18 -1.19
N SER A 54 3.81 -6.94 -1.04
CA SER A 54 5.23 -6.56 -1.08
C SER A 54 5.94 -6.65 0.26
N GLY A 55 5.19 -6.42 1.33
CA GLY A 55 5.69 -6.33 2.69
C GLY A 55 6.21 -7.65 3.27
N THR A 56 5.99 -8.76 2.57
CA THR A 56 6.54 -10.06 2.98
C THR A 56 7.99 -10.24 2.60
N TRP A 57 8.58 -9.30 1.88
CA TRP A 57 9.94 -9.48 1.43
C TRP A 57 10.93 -9.53 2.57
N ASP A 58 11.96 -10.35 2.39
CA ASP A 58 13.07 -10.33 3.32
C ASP A 58 14.36 -10.10 2.57
N LYS A 59 15.04 -8.96 2.76
CA LYS A 59 16.30 -8.65 2.11
C LYS A 59 17.45 -9.64 2.26
N HIS A 60 17.37 -10.45 3.31
CA HIS A 60 18.46 -11.40 3.62
C HIS A 60 18.50 -12.61 2.69
N ASP A 61 17.36 -13.17 2.31
CA ASP A 61 17.33 -14.33 1.41
C ASP A 61 16.47 -14.13 0.16
N ASN A 62 16.01 -12.90 -0.06
CA ASN A 62 15.14 -12.50 -1.17
C ASN A 62 13.86 -13.30 -1.34
N THR A 63 13.36 -13.87 -0.24
CA THR A 63 12.05 -14.53 -0.24
C THR A 63 10.90 -13.54 0.03
N GLY A 64 9.65 -13.90 -0.27
CA GLY A 64 8.54 -12.97 -0.19
C GLY A 64 8.59 -11.88 -1.28
N GLY A 65 7.89 -10.78 -1.07
CA GLY A 65 7.92 -9.71 -2.06
C GLY A 65 6.84 -9.86 -3.11
N SER A 66 6.67 -8.82 -3.92
CA SER A 66 5.60 -8.80 -4.91
C SER A 66 5.75 -9.68 -6.17
N TYR A 67 6.96 -10.08 -6.52
CA TYR A 67 7.26 -10.88 -7.70
C TYR A 67 6.38 -12.10 -7.99
N GLY A 68 6.21 -12.99 -7.04
CA GLY A 68 5.54 -14.25 -7.28
C GLY A 68 4.03 -14.27 -7.29
N GLY A 69 3.35 -13.22 -6.85
CA GLY A 69 1.89 -13.21 -6.81
C GLY A 69 1.26 -14.27 -5.94
N THR A 70 1.99 -14.65 -4.90
CA THR A 70 1.62 -15.77 -4.02
C THR A 70 0.47 -15.60 -3.06
N TYR A 71 -0.06 -14.36 -2.99
CA TYR A 71 -1.30 -14.06 -2.25
C TYR A 71 -2.51 -14.83 -2.83
N ARG A 72 -2.45 -15.27 -4.10
CA ARG A 72 -3.49 -16.12 -4.68
C ARG A 72 -3.56 -17.52 -3.99
N PHE A 73 -2.52 -17.93 -3.24
CA PHE A 73 -2.53 -19.19 -2.49
C PHE A 73 -3.10 -19.10 -1.08
N LYS A 74 -3.86 -20.12 -0.65
CA LYS A 74 -4.54 -20.16 0.66
C LYS A 74 -3.73 -19.71 1.90
N LYS A 75 -2.47 -20.15 2.03
CA LYS A 75 -1.61 -19.76 3.15
C LYS A 75 -1.47 -18.24 3.28
N GLU A 76 -1.14 -17.54 2.22
CA GLU A 76 -1.06 -16.09 2.28
C GLU A 76 -2.43 -15.45 2.27
N PHE A 77 -3.41 -15.96 1.54
CA PHE A 77 -4.75 -15.38 1.52
C PHE A 77 -5.46 -15.40 2.89
N ASN A 78 -5.15 -16.46 3.62
CA ASN A 78 -5.67 -16.68 4.95
C ASN A 78 -4.80 -16.22 6.12
N ASP A 79 -3.71 -15.51 5.83
CA ASP A 79 -2.93 -14.88 6.88
C ASP A 79 -3.86 -13.96 7.69
N PRO A 80 -3.93 -14.02 9.03
CA PRO A 80 -4.76 -13.12 9.87
C PRO A 80 -4.45 -11.65 9.63
N SER A 81 -3.17 -11.36 9.31
CA SER A 81 -2.75 -9.99 8.99
C SER A 81 -3.38 -9.44 7.71
N ASN A 82 -3.85 -10.30 6.80
CA ASN A 82 -4.48 -9.86 5.56
C ASN A 82 -6.01 -9.78 5.64
N ALA A 83 -6.60 -9.99 6.83
CA ALA A 83 -8.05 -9.95 6.96
C ALA A 83 -8.67 -8.66 6.42
N GLY A 84 -9.67 -8.83 5.58
CA GLY A 84 -10.30 -7.68 4.91
C GLY A 84 -9.74 -7.47 3.50
N LEU A 85 -8.55 -7.96 3.15
CA LEU A 85 -8.03 -7.79 1.79
C LEU A 85 -8.70 -8.65 0.71
N GLN A 86 -9.51 -9.64 1.12
CA GLN A 86 -10.32 -10.44 0.18
C GLN A 86 -11.22 -9.55 -0.64
N ASN A 87 -11.66 -8.41 -0.08
CA ASN A 87 -12.43 -7.40 -0.82
C ASN A 87 -11.67 -6.71 -1.93
N GLY A 88 -10.37 -6.47 -1.77
CA GLY A 88 -9.58 -5.93 -2.87
C GLY A 88 -9.35 -7.04 -3.93
N PHE A 89 -9.08 -8.28 -3.55
CA PHE A 89 -8.96 -9.41 -4.49
C PHE A 89 -10.19 -9.64 -5.39
N LYS A 90 -11.37 -9.70 -4.76
CA LYS A 90 -12.63 -9.83 -5.49
C LYS A 90 -12.93 -8.65 -6.40
N PHE A 91 -12.48 -7.43 -6.07
CA PHE A 91 -12.56 -6.27 -6.96
C PHE A 91 -11.70 -6.48 -8.22
N LEU A 92 -10.48 -6.96 -8.04
CA LEU A 92 -9.59 -7.17 -9.15
C LEU A 92 -9.88 -8.40 -10.00
N GLU A 93 -10.58 -9.40 -9.47
CA GLU A 93 -10.86 -10.63 -10.19
C GLU A 93 -11.61 -10.49 -11.51
N PRO A 94 -12.71 -9.74 -11.68
CA PRO A 94 -13.18 -9.28 -12.97
C PRO A 94 -12.17 -8.74 -13.98
N ILE A 95 -11.25 -7.88 -13.57
CA ILE A 95 -10.24 -7.32 -14.45
C ILE A 95 -9.22 -8.38 -14.89
N HIS A 96 -8.90 -9.37 -14.05
CA HIS A 96 -7.98 -10.42 -14.45
C HIS A 96 -8.64 -11.35 -15.45
N LYS A 97 -9.94 -11.58 -15.31
CA LYS A 97 -10.68 -12.33 -16.29
C LYS A 97 -10.65 -11.64 -17.64
N GLU A 98 -10.77 -10.32 -17.66
CA GLU A 98 -10.70 -9.52 -18.87
C GLU A 98 -9.30 -9.42 -19.50
N PHE A 99 -8.22 -9.40 -18.70
CA PHE A 99 -6.86 -9.37 -19.22
C PHE A 99 -6.08 -10.55 -18.65
N PRO A 100 -6.33 -11.79 -19.13
CA PRO A 100 -5.82 -13.00 -18.50
C PRO A 100 -4.32 -13.16 -18.71
N TRP A 101 -3.76 -12.39 -19.62
CA TRP A 101 -2.32 -12.34 -19.86
C TRP A 101 -1.47 -11.64 -18.78
N ILE A 102 -1.99 -10.71 -17.95
CA ILE A 102 -1.15 -10.09 -16.92
C ILE A 102 -0.90 -11.05 -15.74
N SER A 103 0.32 -11.10 -15.23
CA SER A 103 0.60 -11.91 -14.03
C SER A 103 -0.07 -11.39 -12.75
N SER A 104 -0.25 -12.22 -11.73
CA SER A 104 -0.86 -11.80 -10.48
C SER A 104 -0.06 -10.72 -9.75
N GLY A 105 1.26 -10.86 -9.58
CA GLY A 105 2.09 -9.83 -8.94
C GLY A 105 1.96 -8.46 -9.58
N ASP A 106 1.94 -8.48 -10.91
CA ASP A 106 1.74 -7.24 -11.69
C ASP A 106 0.37 -6.64 -11.52
N LEU A 107 -0.69 -7.45 -11.55
CA LEU A 107 -2.04 -6.91 -11.36
C LEU A 107 -2.24 -6.34 -9.93
N PHE A 108 -1.83 -7.06 -8.86
CA PHE A 108 -1.90 -6.58 -7.48
C PHE A 108 -1.03 -5.33 -7.31
N SER A 109 0.19 -5.24 -7.85
CA SER A 109 0.90 -3.97 -7.70
C SER A 109 0.38 -2.77 -8.51
N LEU A 110 -0.11 -2.99 -9.75
CA LEU A 110 -0.70 -1.93 -10.55
C LEU A 110 -2.03 -1.44 -9.97
N GLY A 111 -2.83 -2.28 -9.31
CA GLY A 111 -4.02 -1.84 -8.57
C GLY A 111 -3.72 -0.78 -7.50
N GLY A 112 -2.61 -0.98 -6.74
CA GLY A 112 -2.12 0.00 -5.77
C GLY A 112 -1.67 1.29 -6.46
N VAL A 113 -0.92 1.19 -7.57
CA VAL A 113 -0.53 2.39 -8.33
C VAL A 113 -1.71 3.20 -8.85
N THR A 114 -2.68 2.46 -9.40
CA THR A 114 -3.88 3.07 -9.98
C THR A 114 -4.74 3.78 -8.95
N ALA A 115 -4.96 3.16 -7.79
CA ALA A 115 -5.70 3.75 -6.68
C ALA A 115 -5.10 5.06 -6.17
N VAL A 116 -3.80 5.11 -5.95
CA VAL A 116 -3.10 6.33 -5.51
C VAL A 116 -3.22 7.48 -6.51
N GLN A 117 -2.93 7.24 -7.78
CA GLN A 117 -3.09 8.29 -8.80
C GLN A 117 -4.54 8.70 -9.02
N GLU A 118 -5.48 7.76 -9.02
CA GLU A 118 -6.87 8.13 -9.17
C GLU A 118 -7.42 8.87 -7.95
N MET A 119 -6.87 8.66 -6.73
CA MET A 119 -7.27 9.44 -5.55
C MET A 119 -6.44 10.71 -5.45
N GLN A 120 -5.91 11.21 -6.56
CA GLN A 120 -5.02 12.34 -6.73
C GLN A 120 -3.72 12.51 -5.99
N GLY A 121 -3.14 11.34 -5.84
CA GLY A 121 -1.82 11.21 -5.30
C GLY A 121 -0.79 11.59 -6.33
N PRO A 122 0.49 11.43 -6.02
CA PRO A 122 1.55 11.64 -6.99
C PRO A 122 1.58 10.52 -8.07
N LYS A 123 2.15 10.75 -9.26
CA LYS A 123 2.37 9.66 -10.23
C LYS A 123 3.30 8.60 -9.67
N ILE A 124 3.07 7.29 -9.76
CA ILE A 124 4.05 6.30 -9.31
C ILE A 124 4.65 5.59 -10.55
N PRO A 125 5.90 5.77 -11.02
CA PRO A 125 6.54 4.91 -12.02
C PRO A 125 6.34 3.45 -11.69
N TRP A 126 5.88 2.64 -12.64
CA TRP A 126 5.65 1.21 -12.44
C TRP A 126 6.32 0.41 -13.56
N ARG A 127 6.87 -0.71 -13.16
CA ARG A 127 7.57 -1.58 -14.08
C ARG A 127 6.92 -2.94 -14.19
N CYS A 128 6.78 -3.50 -15.42
CA CYS A 128 6.22 -4.82 -15.61
C CYS A 128 7.10 -6.04 -15.55
N GLY A 129 6.56 -7.25 -15.42
CA GLY A 129 7.50 -8.36 -15.49
C GLY A 129 7.56 -9.33 -14.35
N ARG A 130 6.72 -9.15 -13.35
CA ARG A 130 6.59 -10.13 -12.28
C ARG A 130 6.06 -11.40 -12.88
N VAL A 131 6.45 -12.55 -12.37
CA VAL A 131 6.10 -13.84 -12.90
C VAL A 131 5.47 -14.71 -11.81
N ASP A 132 4.30 -15.31 -12.03
CA ASP A 132 3.76 -16.19 -11.02
C ASP A 132 4.63 -17.38 -10.68
N THR A 133 4.75 -17.64 -9.38
CA THR A 133 5.60 -18.73 -8.92
C THR A 133 4.76 -19.76 -8.16
N PRO A 134 5.21 -21.00 -7.90
CA PRO A 134 4.39 -22.10 -7.37
C PRO A 134 3.92 -21.96 -5.94
N GLU A 135 2.85 -22.63 -5.51
CA GLU A 135 2.37 -22.54 -4.12
C GLU A 135 3.43 -22.72 -3.04
N ASP A 136 4.44 -23.54 -3.31
CA ASP A 136 5.55 -23.77 -2.37
C ASP A 136 6.49 -22.59 -2.15
N THR A 137 6.42 -21.58 -3.02
CA THR A 137 7.18 -20.33 -2.85
C THR A 137 6.46 -19.31 -1.94
N THR A 138 5.18 -19.58 -1.60
CA THR A 138 4.40 -18.75 -0.70
C THR A 138 5.07 -18.53 0.65
N PRO A 139 5.40 -17.30 1.07
CA PRO A 139 5.99 -17.04 2.38
C PRO A 139 5.06 -17.44 3.53
N ASP A 140 5.63 -17.90 4.64
CA ASP A 140 4.78 -18.16 5.81
C ASP A 140 4.16 -16.93 6.49
N ASN A 141 2.99 -17.10 7.10
CA ASN A 141 2.40 -16.08 7.95
C ASN A 141 3.34 -15.45 8.98
N GLY A 142 3.08 -14.22 9.40
CA GLY A 142 3.91 -13.58 10.40
C GLY A 142 5.02 -12.64 9.93
N ARG A 143 5.01 -12.20 8.65
CA ARG A 143 6.05 -11.27 8.19
C ARG A 143 5.62 -9.83 8.13
N LEU A 144 4.33 -9.65 8.34
CA LEU A 144 3.75 -8.31 8.37
C LEU A 144 3.66 -7.71 9.79
N PRO A 145 3.70 -6.39 9.98
CA PRO A 145 3.94 -5.78 11.28
C PRO A 145 2.74 -5.74 12.23
N ASP A 146 3.01 -5.82 13.53
CA ASP A 146 1.96 -5.60 14.52
C ASP A 146 1.66 -4.12 14.73
N ALA A 147 0.45 -3.75 15.12
CA ALA A 147 0.06 -2.36 15.31
C ALA A 147 0.22 -1.77 16.71
N ASP A 148 0.31 -2.66 17.66
CA ASP A 148 0.38 -2.33 19.06
C ASP A 148 1.79 -2.11 19.55
N LYS A 149 2.72 -1.66 18.75
CA LYS A 149 4.08 -1.58 19.22
C LYS A 149 4.61 -0.16 19.17
N ASP A 150 5.89 0.04 19.42
CA ASP A 150 6.47 1.39 19.46
C ASP A 150 7.44 1.73 18.34
N ALA A 151 8.00 2.94 18.35
CA ALA A 151 8.97 3.38 17.33
C ALA A 151 10.19 2.50 17.07
N GLY A 152 10.79 1.92 18.10
CA GLY A 152 11.92 1.02 17.90
C GLY A 152 11.53 -0.24 17.12
N TYR A 153 10.31 -0.74 17.38
CA TYR A 153 9.76 -1.87 16.66
C TYR A 153 9.56 -1.53 15.17
N VAL A 154 8.88 -0.43 14.86
CA VAL A 154 8.72 0.05 13.48
C VAL A 154 10.09 0.22 12.79
N ARG A 155 11.10 0.83 13.41
CA ARG A 155 12.39 1.03 12.76
C ARG A 155 13.05 -0.28 12.43
N THR A 156 13.01 -1.19 13.40
CA THR A 156 13.61 -2.50 13.29
C THR A 156 12.90 -3.35 12.26
N PHE A 157 11.56 -3.44 12.34
CA PHE A 157 10.79 -4.18 11.32
C PHE A 157 11.13 -3.72 9.90
N PHE A 158 11.14 -2.41 9.64
CA PHE A 158 11.37 -1.92 8.28
C PHE A 158 12.79 -2.01 7.75
N GLN A 159 13.75 -2.27 8.63
CA GLN A 159 15.11 -2.58 8.17
C GLN A 159 15.11 -3.90 7.38
N ARG A 160 14.21 -4.86 7.69
CA ARG A 160 14.11 -6.10 6.94
C ARG A 160 13.72 -5.88 5.45
N LEU A 161 12.98 -4.81 5.15
CA LEU A 161 12.58 -4.41 3.78
C LEU A 161 13.48 -3.28 3.27
N ASN A 162 14.71 -3.20 3.80
CA ASN A 162 15.46 -1.94 3.87
C ASN A 162 15.06 -0.59 3.34
N MET A 163 14.18 -0.20 4.23
CA MET A 163 13.63 1.15 4.26
C MET A 163 14.28 1.88 5.47
N ASN A 164 14.69 3.13 5.23
CA ASN A 164 15.29 3.93 6.26
C ASN A 164 14.24 4.83 6.92
N ASP A 165 14.61 5.75 7.82
CA ASP A 165 13.59 6.50 8.57
C ASP A 165 12.70 7.37 7.72
N ARG A 166 13.35 8.00 6.76
CA ARG A 166 12.65 8.86 5.83
C ARG A 166 11.59 8.13 4.97
N GLU A 167 12.02 6.97 4.45
CA GLU A 167 11.19 6.10 3.67
C GLU A 167 10.03 5.57 4.48
N VAL A 168 10.28 5.09 5.71
CA VAL A 168 9.21 4.65 6.62
C VAL A 168 8.18 5.76 6.91
N VAL A 169 8.61 6.98 7.22
CA VAL A 169 7.67 8.07 7.53
C VAL A 169 6.86 8.46 6.29
N ALA A 170 7.51 8.54 5.11
CA ALA A 170 6.81 8.81 3.86
C ALA A 170 5.79 7.70 3.56
N LEU A 171 6.15 6.42 3.60
CA LEU A 171 5.17 5.33 3.50
C LEU A 171 3.98 5.39 4.47
N MET A 172 4.17 5.66 5.76
CA MET A 172 3.06 5.74 6.74
C MET A 172 2.00 6.80 6.46
N GLY A 173 2.29 7.86 5.70
CA GLY A 173 1.35 8.89 5.26
C GLY A 173 0.14 8.32 4.52
N ALA A 174 0.26 7.11 3.95
CA ALA A 174 -0.85 6.35 3.37
C ALA A 174 -1.96 5.96 4.38
N HIS A 175 -1.64 5.94 5.68
CA HIS A 175 -2.67 5.76 6.70
C HIS A 175 -3.63 6.93 6.82
N ALA A 176 -3.48 8.06 6.11
CA ALA A 176 -4.58 9.04 5.98
C ALA A 176 -5.78 8.48 5.22
N LEU A 177 -5.56 7.44 4.41
CA LEU A 177 -6.55 6.78 3.57
C LEU A 177 -7.36 5.72 4.27
N GLY A 178 -8.66 5.61 3.97
CA GLY A 178 -9.51 4.54 4.47
C GLY A 178 -9.74 4.56 5.97
N LYS A 179 -9.74 3.40 6.61
CA LYS A 179 -9.98 3.37 8.05
C LYS A 179 -9.63 2.02 8.63
N THR A 180 -9.55 1.92 9.95
CA THR A 180 -9.43 0.61 10.55
C THR A 180 -10.84 0.09 10.84
N HIS A 181 -10.97 -1.21 10.73
CA HIS A 181 -12.25 -1.90 10.85
C HIS A 181 -12.08 -2.89 11.97
N LEU A 182 -12.85 -2.74 13.06
CA LEU A 182 -12.69 -3.62 14.24
C LEU A 182 -12.72 -5.11 13.95
N LYS A 183 -13.62 -5.57 13.08
CA LYS A 183 -13.69 -7.00 12.80
C LYS A 183 -12.52 -7.51 11.95
N ASN A 184 -11.73 -6.65 11.29
CA ASN A 184 -10.53 -7.11 10.59
C ASN A 184 -9.28 -7.10 11.46
N SER A 185 -9.08 -6.01 12.18
CA SER A 185 -7.87 -5.80 12.97
C SER A 185 -7.96 -5.57 14.48
N GLY A 186 -9.16 -5.39 15.04
CA GLY A 186 -9.30 -5.07 16.46
C GLY A 186 -9.04 -3.60 16.74
N TYR A 187 -9.05 -2.76 15.70
CA TYR A 187 -8.94 -1.32 15.81
C TYR A 187 -10.08 -0.67 15.07
N GLU A 188 -10.57 0.49 15.47
CA GLU A 188 -11.71 1.09 14.79
C GLU A 188 -11.64 2.61 14.58
N GLY A 189 -11.96 3.06 13.37
CA GLY A 189 -12.05 4.47 13.07
C GLY A 189 -11.18 4.98 11.90
N PRO A 190 -11.44 6.17 11.36
CA PRO A 190 -10.63 6.81 10.35
C PRO A 190 -9.59 7.72 10.96
N GLY A 191 -8.60 8.17 10.21
CA GLY A 191 -7.54 9.01 10.73
C GLY A 191 -7.69 10.45 10.31
N GLY A 192 -8.78 10.79 9.65
CA GLY A 192 -8.91 12.13 9.11
C GLY A 192 -10.21 12.30 8.37
N ALA A 193 -10.46 13.52 7.91
CA ALA A 193 -11.66 13.81 7.16
C ALA A 193 -11.58 13.42 5.70
N ALA A 194 -10.46 13.66 4.99
CA ALA A 194 -10.31 13.29 3.59
C ALA A 194 -9.75 11.87 3.49
N ASN A 195 -10.56 10.85 3.73
CA ASN A 195 -9.94 9.53 3.66
C ASN A 195 -10.06 8.70 2.36
N ASN A 196 -10.42 9.36 1.25
CA ASN A 196 -10.26 8.73 -0.06
C ASN A 196 -9.72 9.75 -1.07
N VAL A 197 -9.04 10.77 -0.57
CA VAL A 197 -8.30 11.69 -1.42
C VAL A 197 -6.88 11.62 -0.87
N PHE A 198 -5.82 11.43 -1.65
CA PHE A 198 -4.44 11.37 -1.17
C PHE A 198 -3.89 12.77 -0.79
N THR A 199 -3.67 13.07 0.50
CA THR A 199 -3.10 14.35 0.96
C THR A 199 -2.04 14.17 2.05
N ASN A 200 -1.34 15.19 2.58
CA ASN A 200 -0.47 14.99 3.75
C ASN A 200 -1.16 15.17 5.13
N GLU A 201 -2.49 15.08 5.18
CA GLU A 201 -3.30 15.15 6.41
C GLU A 201 -2.93 14.21 7.56
N PHE A 202 -2.36 13.03 7.32
CA PHE A 202 -1.91 12.17 8.40
C PHE A 202 -0.91 12.91 9.29
N TYR A 203 0.00 13.65 8.68
CA TYR A 203 1.03 14.38 9.41
C TYR A 203 0.45 15.59 10.14
N LEU A 204 -0.44 16.31 9.46
CA LEU A 204 -1.14 17.44 10.07
C LEU A 204 -1.99 17.05 11.29
N ASN A 205 -2.75 15.95 11.21
CA ASN A 205 -3.56 15.46 12.32
C ASN A 205 -2.74 14.95 13.49
N LEU A 206 -1.67 14.25 13.20
CA LEU A 206 -0.75 13.76 14.23
C LEU A 206 -0.22 14.93 15.07
N LEU A 207 0.24 16.01 14.42
CA LEU A 207 0.75 17.17 15.12
C LEU A 207 -0.33 18.12 15.67
N ASN A 208 -1.52 18.24 15.07
CA ASN A 208 -2.49 19.21 15.55
C ASN A 208 -3.67 18.71 16.35
N GLU A 209 -3.96 17.43 16.42
CA GLU A 209 -5.07 16.98 17.20
C GLU A 209 -4.65 16.70 18.63
N ASP A 210 -5.70 16.67 19.43
CA ASP A 210 -5.59 16.39 20.86
C ASP A 210 -5.80 14.90 21.05
N TRP A 211 -4.75 14.11 21.11
CA TRP A 211 -4.94 12.67 21.21
C TRP A 211 -5.11 12.11 22.61
N LYS A 212 -6.00 11.15 22.77
CA LYS A 212 -6.33 10.52 24.03
C LYS A 212 -6.17 9.02 23.98
N LEU A 213 -5.33 8.37 24.79
CA LEU A 213 -5.20 6.92 24.76
C LEU A 213 -6.44 6.23 25.35
N GLU A 214 -7.28 5.60 24.52
CA GLU A 214 -8.43 4.87 25.01
C GLU A 214 -8.51 3.38 24.68
N LYS A 215 -9.43 2.62 25.23
CA LYS A 215 -9.53 1.21 24.89
C LYS A 215 -10.78 1.04 24.07
N ASN A 216 -10.65 0.36 22.93
CA ASN A 216 -11.77 0.10 22.03
C ASN A 216 -12.57 -1.19 22.35
N ASP A 217 -13.67 -1.49 21.67
CA ASP A 217 -14.46 -2.68 21.97
C ASP A 217 -13.82 -4.05 21.81
N ALA A 218 -12.72 -4.10 21.09
CA ALA A 218 -11.93 -5.32 20.95
C ALA A 218 -10.87 -5.44 22.04
N ASN A 219 -10.91 -4.47 22.98
CA ASN A 219 -10.03 -4.32 24.14
C ASN A 219 -8.59 -3.96 23.85
N ASN A 220 -8.44 -3.28 22.71
CA ASN A 220 -7.14 -2.80 22.31
C ASN A 220 -7.02 -1.32 22.56
N GLU A 221 -5.83 -0.87 22.92
CA GLU A 221 -5.62 0.56 23.03
C GLU A 221 -5.32 1.24 21.70
N GLN A 222 -5.91 2.41 21.55
CA GLN A 222 -5.66 3.27 20.40
C GLN A 222 -5.75 4.75 20.78
N TRP A 223 -5.10 5.62 20.02
CA TRP A 223 -5.16 7.04 20.25
C TRP A 223 -6.35 7.70 19.59
N ASP A 224 -7.25 8.27 20.39
CA ASP A 224 -8.48 8.90 19.90
C ASP A 224 -8.57 10.40 20.04
N SER A 225 -9.19 11.10 19.12
CA SER A 225 -9.32 12.54 19.20
C SER A 225 -10.76 12.99 19.26
N LYS A 226 -10.96 14.20 19.79
CA LYS A 226 -12.30 14.84 19.87
C LYS A 226 -13.04 14.91 18.53
N SER A 227 -12.28 15.09 17.46
CA SER A 227 -12.83 15.15 16.12
C SER A 227 -13.38 13.86 15.58
N GLY A 228 -13.21 12.73 16.27
CA GLY A 228 -13.66 11.43 15.76
C GLY A 228 -12.58 10.62 15.00
N TYR A 229 -11.32 11.06 15.05
CA TYR A 229 -10.22 10.37 14.38
C TYR A 229 -9.51 9.46 15.36
N MET A 230 -8.75 8.52 14.83
CA MET A 230 -8.01 7.60 15.64
C MET A 230 -6.64 7.39 15.04
N MET A 231 -5.66 7.02 15.85
CA MET A 231 -4.33 6.67 15.39
C MET A 231 -3.97 5.36 16.08
N LEU A 232 -3.26 4.49 15.36
CA LEU A 232 -2.77 3.23 15.93
C LEU A 232 -1.56 3.51 16.85
N PRO A 233 -1.17 2.65 17.81
CA PRO A 233 0.04 2.83 18.61
C PRO A 233 1.27 3.03 17.75
N THR A 234 1.48 2.19 16.71
CA THR A 234 2.60 2.41 15.79
C THR A 234 2.51 3.68 14.99
N ASP A 235 1.31 4.24 14.75
CA ASP A 235 1.19 5.55 14.10
C ASP A 235 1.61 6.74 14.95
N TYR A 236 1.15 6.70 16.20
CA TYR A 236 1.48 7.73 17.20
C TYR A 236 2.97 7.75 17.57
N SER A 237 3.59 6.56 17.46
CA SER A 237 5.04 6.36 17.54
C SER A 237 5.91 7.35 16.81
N LEU A 238 5.39 7.83 15.67
CA LEU A 238 6.15 8.75 14.84
C LEU A 238 6.34 10.12 15.45
N ILE A 239 5.45 10.55 16.38
CA ILE A 239 5.73 11.80 17.06
C ILE A 239 6.44 11.54 18.40
N GLN A 240 6.53 10.30 18.87
CA GLN A 240 7.29 9.96 20.08
C GLN A 240 8.81 9.86 19.85
N ASP A 241 9.25 9.57 18.66
CA ASP A 241 10.67 9.40 18.40
C ASP A 241 11.23 10.70 17.85
N PRO A 242 12.35 11.28 18.27
CA PRO A 242 12.88 12.54 17.73
C PRO A 242 13.29 12.51 16.26
N LYS A 243 13.91 11.45 15.72
CA LYS A 243 14.26 11.39 14.27
C LYS A 243 12.99 11.39 13.40
N TYR A 244 12.04 10.48 13.72
CA TYR A 244 10.75 10.44 13.04
C TYR A 244 9.96 11.72 13.17
N LEU A 245 9.83 12.28 14.39
CA LEU A 245 9.11 13.53 14.57
C LEU A 245 9.65 14.64 13.69
N SER A 246 10.95 14.87 13.52
CA SER A 246 11.30 15.97 12.61
C SER A 246 11.02 15.68 11.13
N ILE A 247 10.90 14.44 10.65
CA ILE A 247 10.46 14.23 9.26
C ILE A 247 8.93 14.45 9.15
N VAL A 248 8.12 14.03 10.14
CA VAL A 248 6.67 14.34 10.23
C VAL A 248 6.40 15.83 10.06
N LYS A 249 7.16 16.66 10.79
CA LYS A 249 7.04 18.10 10.64
C LYS A 249 7.40 18.61 9.24
N GLU A 250 8.40 18.00 8.62
CA GLU A 250 8.78 18.35 7.27
C GLU A 250 7.64 18.07 6.27
N TYR A 251 6.99 16.92 6.40
CA TYR A 251 5.86 16.60 5.52
C TYR A 251 4.54 17.31 5.88
N ALA A 252 4.30 17.71 7.13
CA ALA A 252 3.16 18.56 7.41
C ALA A 252 3.40 19.97 6.90
N ASN A 253 4.65 20.42 6.77
CA ASN A 253 4.94 21.72 6.18
C ASN A 253 5.22 21.82 4.68
N ASP A 254 5.21 20.68 3.97
CA ASP A 254 5.50 20.66 2.53
C ASP A 254 4.84 19.45 1.84
N GLN A 255 3.63 19.62 1.32
CA GLN A 255 2.95 18.51 0.64
C GLN A 255 3.61 17.96 -0.66
N ASP A 256 4.27 18.82 -1.44
CA ASP A 256 5.03 18.40 -2.61
C ASP A 256 6.23 17.48 -2.30
N LYS A 257 7.05 17.79 -1.27
CA LYS A 257 8.12 16.91 -0.78
C LYS A 257 7.52 15.58 -0.32
N PHE A 258 6.45 15.58 0.51
CA PHE A 258 5.74 14.35 0.84
C PHE A 258 5.38 13.52 -0.43
N PHE A 259 4.65 14.09 -1.39
CA PHE A 259 4.31 13.41 -2.63
C PHE A 259 5.52 12.82 -3.38
N LYS A 260 6.60 13.59 -3.52
CA LYS A 260 7.82 13.14 -4.16
C LYS A 260 8.52 11.98 -3.46
N ASP A 261 8.62 12.05 -2.12
CA ASP A 261 9.19 10.96 -1.35
C ASP A 261 8.31 9.74 -1.22
N PHE A 262 6.99 9.90 -1.18
CA PHE A 262 6.09 8.75 -1.15
C PHE A 262 6.23 7.89 -2.44
N SER A 263 6.23 8.62 -3.57
CA SER A 263 6.36 8.05 -4.91
C SER A 263 7.60 7.18 -5.07
N LYS A 264 8.77 7.71 -4.66
CA LYS A 264 9.97 6.88 -4.61
C LYS A 264 9.94 5.70 -3.66
N ALA A 265 9.42 5.84 -2.44
CA ALA A 265 9.41 4.71 -1.51
C ALA A 265 8.35 3.66 -1.82
N PHE A 266 7.21 4.03 -2.42
CA PHE A 266 6.18 3.06 -2.83
C PHE A 266 6.67 2.28 -4.07
N GLU A 267 7.33 2.91 -5.05
CA GLU A 267 7.89 2.17 -6.18
C GLU A 267 8.94 1.19 -5.66
N LYS A 268 9.86 1.68 -4.81
CA LYS A 268 10.89 0.82 -4.22
C LYS A 268 10.27 -0.35 -3.49
N LEU A 269 9.21 -0.09 -2.71
CA LEU A 269 8.47 -1.15 -2.01
C LEU A 269 7.99 -2.27 -2.95
N LEU A 270 7.41 -1.80 -4.06
CA LEU A 270 6.79 -2.67 -5.05
C LEU A 270 7.79 -3.44 -5.90
N GLU A 271 9.02 -2.93 -5.99
CA GLU A 271 10.11 -3.52 -6.75
C GLU A 271 11.13 -4.33 -6.00
N ASP A 272 11.14 -4.27 -4.65
CA ASP A 272 12.08 -5.06 -3.85
C ASP A 272 12.07 -6.56 -4.23
N GLY A 273 13.29 -7.09 -4.45
CA GLY A 273 13.46 -8.50 -4.81
C GLY A 273 13.57 -8.81 -6.31
N ILE A 274 13.14 -7.90 -7.14
CA ILE A 274 13.14 -8.09 -8.58
C ILE A 274 14.38 -7.51 -9.28
N THR A 275 14.96 -8.39 -10.09
CA THR A 275 16.08 -8.05 -10.97
C THR A 275 15.52 -7.70 -12.33
N PHE A 276 15.75 -6.48 -12.78
CA PHE A 276 15.33 -6.05 -14.10
C PHE A 276 16.55 -6.08 -15.04
N PRO A 277 16.62 -6.94 -16.08
CA PRO A 277 17.65 -6.94 -17.15
C PRO A 277 17.91 -5.59 -17.85
N LYS A 278 19.10 -5.18 -18.34
CA LYS A 278 19.20 -3.83 -18.91
C LYS A 278 18.46 -3.55 -20.22
N ASP A 279 18.03 -4.59 -20.88
CA ASP A 279 17.16 -4.45 -22.06
C ASP A 279 15.67 -4.42 -21.70
N ALA A 280 15.35 -4.44 -20.41
CA ALA A 280 13.96 -4.36 -19.98
C ALA A 280 13.45 -2.94 -20.27
N PRO A 281 12.15 -2.70 -20.56
CA PRO A 281 11.64 -1.35 -20.77
C PRO A 281 11.74 -0.45 -19.53
N SER A 282 11.84 0.85 -19.80
CA SER A 282 11.73 1.83 -18.74
C SER A 282 10.46 1.71 -17.90
N PRO A 283 10.43 2.29 -16.70
CA PRO A 283 9.20 2.38 -15.93
C PRO A 283 8.14 3.16 -16.68
N PHE A 284 6.92 2.66 -16.64
CA PHE A 284 5.80 3.37 -17.24
C PHE A 284 5.22 4.44 -16.31
N ILE A 285 4.84 5.60 -16.82
CA ILE A 285 4.10 6.60 -16.06
C ILE A 285 2.69 6.58 -16.68
N PHE A 286 1.66 6.04 -16.04
CA PHE A 286 0.31 6.03 -16.61
C PHE A 286 -0.49 7.29 -16.43
N LYS A 287 -1.19 7.66 -17.48
CA LYS A 287 -2.10 8.79 -17.39
C LYS A 287 -3.34 8.47 -16.60
N THR A 288 -3.87 9.44 -15.89
CA THR A 288 -5.12 9.20 -15.18
C THR A 288 -6.37 9.30 -16.11
N LEU A 289 -7.54 8.79 -15.75
CA LEU A 289 -8.74 9.01 -16.56
C LEU A 289 -9.00 10.49 -16.87
N GLU A 290 -8.76 11.30 -15.85
CA GLU A 290 -8.88 12.75 -15.96
C GLU A 290 -7.93 13.33 -16.99
N GLU A 291 -6.66 12.95 -17.01
CA GLU A 291 -5.76 13.49 -18.03
C GLU A 291 -6.10 12.99 -19.45
N GLN A 292 -6.82 11.86 -19.50
CA GLN A 292 -7.31 11.28 -20.74
C GLN A 292 -8.67 11.79 -21.17
N GLY A 293 -9.37 12.56 -20.34
CA GLY A 293 -10.73 13.01 -20.60
C GLY A 293 -11.76 11.87 -20.59
N LEU A 294 -11.42 10.78 -19.94
CA LEU A 294 -12.26 9.61 -19.84
C LEU A 294 -13.19 9.57 -18.63
CHA HEM B . -4.91 -0.17 7.24
CHB HEM B . -1.44 -1.54 10.21
CHC HEM B . 1.84 0.38 7.31
CHD HEM B . -1.61 1.28 4.12
C1A HEM B . -4.28 -0.69 8.40
C2A HEM B . -4.91 -1.35 9.44
C3A HEM B . -3.89 -1.74 10.29
C4A HEM B . -2.73 -1.30 9.71
CMA HEM B . -4.02 -2.51 11.58
CAA HEM B . -6.41 -1.61 9.58
CBA HEM B . -6.91 -2.79 8.77
CGA HEM B . -8.39 -2.96 8.89
O1A HEM B . -8.94 -3.06 9.97
O2A HEM B . -9.09 -2.99 7.89
C1B HEM B . -0.21 -1.15 9.70
C2B HEM B . 0.99 -1.33 10.37
C3B HEM B . 1.94 -0.68 9.57
C4B HEM B . 1.27 -0.25 8.44
CMB HEM B . 1.06 -2.01 11.74
CAB HEM B . 3.31 -0.44 9.79
CBB HEM B . 4.08 -0.68 11.00
C1C HEM B . 1.21 0.71 6.10
C2C HEM B . 1.88 1.18 4.97
C3C HEM B . 0.86 1.33 3.99
C4C HEM B . -0.34 1.06 4.65
CMC HEM B . 3.41 1.27 4.86
CAC HEM B . 0.89 1.70 2.63
CBC HEM B . 2.00 2.29 1.89
C1D HEM B . -2.87 1.11 4.70
C2D HEM B . -4.09 1.52 4.17
C3D HEM B . -5.05 1.09 5.07
C4D HEM B . -4.35 0.46 6.11
CMD HEM B . -4.32 2.32 2.88
CAD HEM B . -6.55 1.29 4.96
CBD HEM B . -7.29 0.05 4.52
CGD HEM B . -8.81 0.19 4.40
O1D HEM B . -9.49 -0.83 4.30
O2D HEM B . -9.34 1.28 4.40
NA HEM B . -2.95 -0.60 8.62
NB HEM B . -0.03 -0.53 8.54
NC HEM B . -0.11 0.58 5.87
ND HEM B . -3.05 0.55 5.91
FE HEM B . -1.55 0.01 7.23
N1 IDM C . -4.53 5.35 11.87
C2 IDM C . -4.90 6.77 11.42
C3 IDM C . -6.09 6.59 10.46
C4A IDM C . -5.88 5.17 9.95
C4 IDM C . -6.43 4.52 8.85
C5 IDM C . -6.09 3.18 8.62
C6 IDM C . -5.19 2.51 9.46
C7 IDM C . -4.62 3.14 10.56
C7A IDM C . -4.99 4.47 10.76
#